data_5WYI
#
_entry.id   5WYI
#
_cell.length_a   136.932
_cell.length_b   136.932
_cell.length_c   26.168
_cell.angle_alpha   90.00
_cell.angle_beta   90.00
_cell.angle_gamma   120.00
#
_symmetry.space_group_name_H-M   'P 3'
#
loop_
_entity.id
_entity.type
_entity.pdbx_description
1 polymer Yaf9
2 polymer Yaf9
3 polymer ILE-MET-PRO-LYS-ASP-ILE-GLN-LEU
4 non-polymer '(2S)-2-azanyl-6-[(4-hydroxy-4-oxo-butanoyl)amino]hexanoic acid'
5 non-polymer 'SUCCINIC ACID'
6 water water
#
loop_
_entity_poly.entity_id
_entity_poly.type
_entity_poly.pdbx_seq_one_letter_code
_entity_poly.pdbx_strand_id
1 'polypeptide(L)'
;GARIKTLSVSRPIIYGNTAKKMGSVKPPNAPAEHTHLWTIFVRGPQNEDISYFIKKVVFKLHDTYPNPVRSIEAPPFELT
ETGWGEFDINIKVYFVEEANEKVLNFYHRLRLHPYANPVPNSDNGNEQNTTDHNSKDAEVSSVYFDEIVFNEPNEEFFKI
LMSRG
;
A
2 'polypeptide(L)'
;GARIKTLSVSRPIIYGNTAKKMGSVKPPNAPAEHTHLWTIFVRGPQNEDISYFIKKVVFKLHDTYPNPVRSIEAPPFELT
ETGWGEFDINIKVYFVEEANEKVLNFYHRLRLHPYANPVPNSDNGNEQNTTDHNSKDAEVSSVYFDEIVFNEPNEEFFKI
LMSR
;
B,C
3 'polypeptide(L)' IMPKDIQL E
#
loop_
_chem_comp.id
_chem_comp.type
_chem_comp.name
_chem_comp.formula
SIN non-polymer 'SUCCINIC ACID' 'C4 H6 O4'
#
# COMPACT_ATOMS: atom_id res chain seq x y z
N GLY A 1 -37.35 -18.70 41.41
CA GLY A 1 -37.27 -17.34 41.89
C GLY A 1 -37.32 -16.33 40.76
N ALA A 2 -37.43 -15.05 41.10
CA ALA A 2 -37.46 -13.99 40.11
C ALA A 2 -36.72 -12.76 40.61
N ARG A 3 -36.05 -12.06 39.71
CA ARG A 3 -35.32 -10.86 40.07
C ARG A 3 -35.19 -9.91 38.89
N ILE A 4 -35.02 -8.63 39.18
CA ILE A 4 -34.77 -7.63 38.14
C ILE A 4 -33.28 -7.59 37.81
N LYS A 5 -32.96 -7.58 36.53
CA LYS A 5 -31.56 -7.55 36.10
C LYS A 5 -31.42 -6.68 34.86
N THR A 6 -30.25 -6.10 34.67
CA THR A 6 -29.92 -5.34 33.47
C THR A 6 -30.25 -6.12 32.20
N LEU A 7 -30.92 -5.47 31.26
CA LEU A 7 -31.30 -6.11 30.01
C LEU A 7 -30.08 -6.35 29.12
N SER A 8 -29.99 -7.55 28.57
CA SER A 8 -28.89 -7.93 27.68
C SER A 8 -29.38 -8.76 26.51
N VAL A 9 -28.92 -8.41 25.31
CA VAL A 9 -29.29 -9.14 24.10
C VAL A 9 -28.05 -9.47 23.28
N SER A 10 -27.89 -10.74 22.91
CA SER A 10 -26.69 -11.18 22.20
C SER A 10 -26.98 -11.48 20.74
N ARG A 11 -26.01 -11.16 19.88
CA ARG A 11 -26.10 -11.48 18.45
C ARG A 11 -24.84 -12.22 18.00
N PRO A 12 -25.00 -13.47 17.55
CA PRO A 12 -23.88 -14.29 17.07
C PRO A 12 -23.14 -13.61 15.92
N ILE A 13 -21.82 -13.70 15.93
CA ILE A 13 -21.02 -13.04 14.91
C ILE A 13 -19.79 -13.88 14.55
N ILE A 14 -19.43 -13.86 13.27
CA ILE A 14 -18.28 -14.58 12.77
C ILE A 14 -17.30 -13.59 12.14
N TYR A 15 -16.03 -13.65 12.52
CA TYR A 15 -15.08 -12.69 11.96
C TYR A 15 -13.70 -13.30 11.80
N GLY A 16 -12.89 -12.70 10.94
CA GLY A 16 -11.52 -13.17 10.78
C GLY A 16 -11.03 -13.06 9.36
N ASN A 17 -10.17 -13.98 8.94
CA ASN A 17 -9.60 -13.88 7.61
C ASN A 17 -9.33 -15.22 6.92
N THR A 18 -9.33 -15.19 5.59
CA THR A 18 -8.85 -16.30 4.77
C THR A 18 -7.66 -15.82 3.95
N ALA A 19 -6.82 -16.75 3.49
CA ALA A 19 -5.63 -16.38 2.73
C ALA A 19 -5.14 -17.52 1.84
N LYS A 20 -4.42 -17.18 0.78
CA LYS A 20 -3.85 -18.19 -0.10
C LYS A 20 -2.61 -17.64 -0.80
N LYS A 21 -1.57 -18.45 -0.88
CA LYS A 21 -0.35 -18.07 -1.60
C LYS A 21 -0.68 -17.91 -3.08
N MET A 22 -0.27 -16.78 -3.66
CA MET A 22 -0.63 -16.48 -5.04
C MET A 22 0.26 -17.18 -6.07
N GLY A 23 -0.37 -17.64 -7.14
CA GLY A 23 0.33 -18.32 -8.21
C GLY A 23 1.01 -17.35 -9.16
N SER A 24 1.17 -17.78 -10.41
CA SER A 24 1.65 -16.94 -11.49
C SER A 24 0.88 -15.61 -11.59
N VAL A 25 -0.45 -15.68 -11.46
CA VAL A 25 -1.30 -14.54 -11.77
C VAL A 25 -1.66 -13.68 -10.57
N LYS A 26 -1.13 -12.46 -10.57
CA LYS A 26 -1.39 -11.48 -9.52
C LYS A 26 -2.45 -10.47 -10.01
N PRO A 27 -3.21 -9.85 -9.11
CA PRO A 27 -4.14 -8.79 -9.54
C PRO A 27 -3.38 -7.60 -10.12
N PRO A 28 -4.04 -6.77 -10.95
CA PRO A 28 -3.44 -5.51 -11.36
C PRO A 28 -3.08 -4.62 -10.16
N ASN A 29 -2.11 -3.73 -10.34
CA ASN A 29 -1.70 -2.77 -9.32
C ASN A 29 -1.07 -3.38 -8.07
N ALA A 30 -0.91 -4.70 -8.05
CA ALA A 30 -0.35 -5.40 -6.90
C ALA A 30 1.18 -5.37 -6.91
N PRO A 31 1.79 -4.86 -5.83
CA PRO A 31 3.25 -4.83 -5.70
C PRO A 31 3.87 -6.22 -5.79
N ALA A 32 5.08 -6.31 -6.32
CA ALA A 32 5.71 -7.60 -6.56
C ALA A 32 6.12 -8.33 -5.29
N GLU A 33 6.43 -7.58 -4.24
CA GLU A 33 6.78 -8.16 -2.94
C GLU A 33 5.66 -9.06 -2.40
N HIS A 34 4.41 -8.71 -2.70
CA HIS A 34 3.26 -9.41 -2.13
C HIS A 34 3.16 -10.84 -2.67
N THR A 35 2.87 -11.77 -1.78
CA THR A 35 2.86 -13.20 -2.10
C THR A 35 1.51 -13.87 -1.86
N HIS A 36 0.63 -13.19 -1.13
CA HIS A 36 -0.63 -13.79 -0.72
C HIS A 36 -1.83 -12.91 -1.01
N LEU A 37 -2.96 -13.57 -1.30
CA LEU A 37 -4.25 -12.91 -1.36
C LEU A 37 -5.01 -13.25 -0.09
N TRP A 38 -5.61 -12.24 0.53
CA TRP A 38 -6.33 -12.48 1.76
C TRP A 38 -7.59 -11.64 1.88
N THR A 39 -8.55 -12.16 2.61
CA THR A 39 -9.82 -11.48 2.82
C THR A 39 -10.16 -11.42 4.30
N ILE A 40 -10.35 -10.21 4.81
CA ILE A 40 -10.78 -10.01 6.18
C ILE A 40 -12.28 -9.73 6.17
N PHE A 41 -13.01 -10.27 7.14
CA PHE A 41 -14.46 -10.20 7.08
C PHE A 41 -15.16 -10.27 8.43
N VAL A 42 -16.34 -9.68 8.46
CA VAL A 42 -17.30 -9.83 9.54
C VAL A 42 -18.66 -10.20 8.95
N ARG A 43 -19.20 -11.33 9.38
CA ARG A 43 -20.45 -11.86 8.81
C ARG A 43 -21.28 -12.56 9.87
N GLY A 44 -22.49 -12.96 9.50
CA GLY A 44 -23.34 -13.73 10.38
C GLY A 44 -23.22 -15.22 10.14
N PRO A 45 -23.75 -16.03 11.08
CA PRO A 45 -23.78 -17.48 10.92
C PRO A 45 -24.63 -17.90 9.72
N GLN A 46 -24.20 -18.90 8.98
CA GLN A 46 -24.87 -19.31 7.73
C GLN A 46 -24.94 -18.16 6.72
N ASN A 47 -24.03 -17.20 6.88
CA ASN A 47 -23.98 -16.00 6.04
C ASN A 47 -25.28 -15.22 5.99
N GLU A 48 -26.07 -15.30 7.06
CA GLU A 48 -27.30 -14.52 7.13
C GLU A 48 -26.98 -13.04 7.35
N ASP A 49 -27.91 -12.17 6.94
CA ASP A 49 -27.72 -10.73 7.01
C ASP A 49 -27.44 -10.22 8.42
N ILE A 50 -26.49 -9.30 8.54
CA ILE A 50 -26.19 -8.64 9.80
C ILE A 50 -26.33 -7.13 9.67
N SER A 51 -26.68 -6.68 8.46
CA SER A 51 -26.78 -5.25 8.17
C SER A 51 -27.97 -4.61 8.87
N TYR A 52 -28.89 -5.44 9.37
CA TYR A 52 -30.07 -4.90 10.04
C TYR A 52 -29.72 -4.27 11.40
N PHE A 53 -28.58 -4.66 11.96
CA PHE A 53 -28.11 -4.02 13.19
C PHE A 53 -26.68 -3.47 13.05
N ILE A 54 -26.02 -3.80 11.95
CA ILE A 54 -24.70 -3.24 11.66
C ILE A 54 -24.73 -2.33 10.42
N LYS A 55 -24.38 -1.07 10.61
CA LYS A 55 -24.40 -0.09 9.53
C LYS A 55 -23.16 -0.20 8.65
N LYS A 56 -21.99 -0.24 9.27
CA LYS A 56 -20.73 -0.34 8.53
C LYS A 56 -19.61 -0.94 9.35
N VAL A 57 -18.62 -1.49 8.67
CA VAL A 57 -17.43 -2.04 9.33
C VAL A 57 -16.18 -1.42 8.75
N VAL A 58 -15.33 -0.86 9.61
CA VAL A 58 -14.10 -0.21 9.17
C VAL A 58 -12.86 -1.00 9.55
N PHE A 59 -12.10 -1.42 8.54
CA PHE A 59 -10.86 -2.15 8.75
C PHE A 59 -9.64 -1.24 8.62
N LYS A 60 -8.82 -1.15 9.66
CA LYS A 60 -7.59 -0.37 9.57
C LYS A 60 -6.38 -1.28 9.34
N LEU A 61 -5.75 -1.10 8.19
CA LEU A 61 -4.61 -1.93 7.81
C LEU A 61 -3.31 -1.31 8.29
N HIS A 62 -2.20 -2.00 8.04
CA HIS A 62 -0.88 -1.48 8.37
C HIS A 62 -0.62 -0.19 7.58
N ASP A 63 0.19 0.70 8.14
CA ASP A 63 0.42 2.00 7.52
C ASP A 63 1.23 1.91 6.24
N THR A 64 1.75 0.73 5.94
CA THR A 64 2.49 0.52 4.70
C THR A 64 1.51 0.46 3.52
N TYR A 65 0.25 0.18 3.82
CA TYR A 65 -0.79 0.17 2.80
C TYR A 65 -1.28 1.59 2.51
N PRO A 66 -1.49 1.91 1.22
CA PRO A 66 -2.08 3.20 0.85
C PRO A 66 -3.50 3.33 1.35
N ASN A 67 -3.79 4.44 2.05
CA ASN A 67 -5.09 4.66 2.66
C ASN A 67 -5.53 3.47 3.51
N PRO A 68 -4.84 3.24 4.65
CA PRO A 68 -5.04 2.05 5.46
C PRO A 68 -6.44 1.91 6.07
N VAL A 69 -7.16 3.02 6.18
CA VAL A 69 -8.53 2.98 6.71
C VAL A 69 -9.52 2.64 5.59
N ARG A 70 -9.98 1.39 5.60
CA ARG A 70 -10.91 0.90 4.58
C ARG A 70 -12.30 0.75 5.17
N SER A 71 -13.21 1.65 4.79
CA SER A 71 -14.56 1.65 5.31
C SER A 71 -15.53 0.90 4.39
N ILE A 72 -16.11 -0.19 4.91
CA ILE A 72 -17.10 -0.94 4.17
C ILE A 72 -18.49 -0.62 4.70
N GLU A 73 -19.29 0.08 3.91
CA GLU A 73 -20.54 0.65 4.40
C GLU A 73 -21.77 -0.07 3.84
N ALA A 74 -21.55 -1.26 3.30
CA ALA A 74 -22.63 -2.11 2.82
C ALA A 74 -22.18 -3.56 2.78
N PRO A 75 -23.10 -4.49 3.07
CA PRO A 75 -22.76 -5.92 3.04
C PRO A 75 -22.40 -6.39 1.63
N PRO A 76 -21.51 -7.40 1.52
CA PRO A 76 -20.84 -8.08 2.63
C PRO A 76 -19.74 -7.22 3.27
N PHE A 77 -19.67 -7.25 4.60
CA PHE A 77 -18.68 -6.48 5.33
C PHE A 77 -17.34 -7.18 5.31
N GLU A 78 -16.62 -7.02 4.20
CA GLU A 78 -15.35 -7.67 3.99
C GLU A 78 -14.43 -6.83 3.13
N LEU A 79 -13.16 -7.20 3.11
CA LEU A 79 -12.18 -6.55 2.24
C LEU A 79 -11.14 -7.55 1.78
N THR A 80 -10.82 -7.51 0.49
CA THR A 80 -9.82 -8.39 -0.08
C THR A 80 -8.60 -7.58 -0.50
N GLU A 81 -7.42 -7.99 -0.02
CA GLU A 81 -6.18 -7.31 -0.35
C GLU A 81 -5.06 -8.32 -0.61
N THR A 82 -3.92 -7.82 -1.05
CA THR A 82 -2.73 -8.65 -1.21
C THR A 82 -1.68 -8.24 -0.18
N GLY A 83 -0.77 -9.15 0.14
CA GLY A 83 0.26 -8.86 1.13
C GLY A 83 1.32 -9.92 1.25
N TRP A 84 2.31 -9.68 2.10
CA TRP A 84 3.39 -10.64 2.33
C TRP A 84 3.59 -10.94 3.80
N GLY A 85 3.16 -10.02 4.66
CA GLY A 85 3.40 -10.16 6.08
C GLY A 85 2.15 -10.19 6.94
N GLU A 86 2.25 -10.85 8.10
CA GLU A 86 1.15 -10.90 9.04
C GLU A 86 1.17 -9.72 9.99
N PHE A 87 0.00 -9.17 10.29
CA PHE A 87 -0.11 -8.02 11.19
C PHE A 87 -1.51 -7.90 11.77
N ASP A 88 -1.65 -7.05 12.77
CA ASP A 88 -2.94 -6.83 13.43
C ASP A 88 -3.79 -5.82 12.67
N ILE A 89 -4.98 -6.25 12.24
CA ILE A 89 -5.94 -5.38 11.58
C ILE A 89 -6.98 -4.91 12.60
N ASN A 90 -7.12 -3.59 12.72
CA ASN A 90 -8.13 -3.02 13.61
C ASN A 90 -9.50 -3.04 12.97
N ILE A 91 -10.48 -3.55 13.71
CA ILE A 91 -11.86 -3.65 13.23
C ILE A 91 -12.80 -2.81 14.09
N LYS A 92 -13.48 -1.87 13.43
CA LYS A 92 -14.49 -1.04 14.08
C LYS A 92 -15.88 -1.34 13.52
N VAL A 93 -16.75 -1.81 14.39
CA VAL A 93 -18.13 -2.09 14.00
C VAL A 93 -19.05 -0.93 14.41
N TYR A 94 -19.67 -0.31 13.42
CA TYR A 94 -20.64 0.75 13.66
C TYR A 94 -22.04 0.18 13.57
N PHE A 95 -22.85 0.43 14.59
CA PHE A 95 -24.21 -0.10 14.60
C PHE A 95 -25.16 0.93 13.99
N VAL A 96 -26.35 0.48 13.61
CA VAL A 96 -27.34 1.35 12.97
C VAL A 96 -27.74 2.47 13.93
N GLU A 97 -28.19 3.60 13.37
CA GLU A 97 -28.41 4.84 14.11
C GLU A 97 -29.41 4.70 15.25
N GLU A 98 -30.33 3.74 15.14
CA GLU A 98 -31.31 3.50 16.20
C GLU A 98 -30.67 3.02 17.50
N ALA A 99 -29.51 2.40 17.39
CA ALA A 99 -28.84 1.84 18.56
C ALA A 99 -28.32 2.90 19.52
N ASN A 100 -27.91 4.05 18.98
CA ASN A 100 -27.27 5.10 19.77
C ASN A 100 -26.09 4.54 20.54
N GLU A 101 -25.28 3.74 19.88
CA GLU A 101 -24.20 3.01 20.52
C GLU A 101 -22.82 3.51 20.09
N LYS A 102 -21.86 3.41 21.01
CA LYS A 102 -20.47 3.67 20.69
C LYS A 102 -19.98 2.64 19.69
N VAL A 103 -18.89 2.96 18.99
CA VAL A 103 -18.29 2.02 18.06
C VAL A 103 -17.75 0.80 18.81
N LEU A 104 -17.92 -0.38 18.23
CA LEU A 104 -17.35 -1.59 18.83
C LEU A 104 -15.96 -1.82 18.26
N ASN A 105 -14.95 -1.73 19.12
CA ASN A 105 -13.57 -1.79 18.65
C ASN A 105 -12.86 -3.07 19.07
N PHE A 106 -12.31 -3.78 18.09
CA PHE A 106 -11.46 -4.93 18.38
C PHE A 106 -10.43 -5.10 17.27
N TYR A 107 -9.74 -6.24 17.25
CA TYR A 107 -8.72 -6.45 16.23
C TYR A 107 -8.52 -7.93 15.91
N HIS A 108 -7.87 -8.19 14.79
CA HIS A 108 -7.63 -9.56 14.33
C HIS A 108 -6.25 -9.72 13.73
N ARG A 109 -5.53 -10.76 14.16
CA ARG A 109 -4.21 -11.03 13.62
C ARG A 109 -4.33 -11.77 12.29
N LEU A 110 -3.96 -11.08 11.21
CA LEU A 110 -4.01 -11.66 9.87
C LEU A 110 -3.10 -12.88 9.77
N ARG A 111 -3.68 -14.02 9.38
CA ARG A 111 -2.91 -15.25 9.21
C ARG A 111 -2.75 -15.60 7.74
N LEU A 112 -1.50 -15.78 7.32
CA LEU A 112 -1.20 -16.09 5.92
C LEU A 112 -0.59 -17.50 5.77
N HIS A 113 0.12 -17.93 6.80
CA HIS A 113 0.84 -19.21 6.74
C HIS A 113 0.20 -20.28 7.62
N PRO A 114 0.31 -21.55 7.21
CA PRO A 114 -0.19 -22.69 7.98
C PRO A 114 0.44 -22.78 9.37
N GLU A 139 -5.37 -23.05 1.14
CA GLU A 139 -6.04 -21.99 1.88
C GLU A 139 -5.80 -22.06 3.38
N VAL A 140 -5.35 -20.94 3.94
CA VAL A 140 -5.17 -20.82 5.38
C VAL A 140 -6.32 -19.95 5.90
N SER A 141 -6.79 -20.23 7.11
CA SER A 141 -7.87 -19.43 7.67
C SER A 141 -7.75 -19.23 9.18
N SER A 142 -8.20 -18.07 9.64
CA SER A 142 -8.24 -17.76 11.06
C SER A 142 -9.58 -17.11 11.36
N VAL A 143 -10.52 -17.91 11.85
CA VAL A 143 -11.90 -17.48 11.99
C VAL A 143 -12.44 -17.72 13.40
N TYR A 144 -13.10 -16.71 13.96
CA TYR A 144 -13.71 -16.81 15.27
C TYR A 144 -15.23 -16.69 15.18
N PHE A 145 -15.91 -17.47 16.02
CA PHE A 145 -17.36 -17.49 16.09
C PHE A 145 -17.77 -17.09 17.50
N ASP A 146 -17.95 -15.79 17.72
CA ASP A 146 -18.28 -15.26 19.03
C ASP A 146 -19.67 -14.65 19.02
N GLU A 147 -19.94 -13.79 20.00
CA GLU A 147 -21.19 -13.06 20.02
C GLU A 147 -20.98 -11.62 20.48
N ILE A 148 -21.76 -10.70 19.91
CA ILE A 148 -21.78 -9.33 20.37
C ILE A 148 -22.87 -9.19 21.43
N VAL A 149 -22.48 -8.76 22.62
CA VAL A 149 -23.44 -8.58 23.71
C VAL A 149 -23.82 -7.11 23.87
N PHE A 150 -25.11 -6.82 23.71
CA PHE A 150 -25.64 -5.49 23.91
C PHE A 150 -26.28 -5.37 25.29
N ASN A 151 -25.68 -4.56 26.16
CA ASN A 151 -26.28 -4.31 27.46
C ASN A 151 -27.03 -2.98 27.47
N GLU A 152 -28.16 -2.96 28.16
CA GLU A 152 -29.05 -1.79 28.20
C GLU A 152 -29.39 -1.20 26.83
N PRO A 153 -29.90 -2.02 25.90
CA PRO A 153 -30.29 -1.42 24.62
C PRO A 153 -31.61 -0.67 24.75
N ASN A 154 -31.81 0.37 23.95
CA ASN A 154 -33.07 1.10 23.97
C ASN A 154 -34.18 0.28 23.32
N GLU A 155 -35.42 0.70 23.51
CA GLU A 155 -36.59 -0.07 23.10
C GLU A 155 -36.68 -0.30 21.58
N GLU A 156 -36.32 0.75 20.83
CA GLU A 156 -36.37 0.72 19.37
C GLU A 156 -35.34 -0.23 18.78
N PHE A 157 -34.10 -0.11 19.27
CA PHE A 157 -33.02 -1.00 18.84
C PHE A 157 -33.32 -2.42 19.28
N PHE A 158 -34.00 -2.56 20.41
CA PHE A 158 -34.46 -3.86 20.88
C PHE A 158 -35.45 -4.46 19.88
N LYS A 159 -36.36 -3.63 19.39
CA LYS A 159 -37.30 -4.09 18.36
C LYS A 159 -36.55 -4.55 17.13
N ILE A 160 -35.52 -3.78 16.75
CA ILE A 160 -34.68 -4.14 15.60
C ILE A 160 -33.96 -5.46 15.83
N LEU A 161 -33.37 -5.63 17.00
CA LEU A 161 -32.65 -6.86 17.34
C LEU A 161 -33.55 -8.08 17.36
N MET A 162 -34.79 -7.90 17.81
CA MET A 162 -35.74 -9.01 17.93
C MET A 162 -36.43 -9.32 16.60
N SER A 163 -36.15 -8.50 15.58
CA SER A 163 -36.76 -8.65 14.27
C SER A 163 -36.23 -9.88 13.52
N ARG A 164 -35.13 -10.43 14.02
CA ARG A 164 -34.47 -11.61 13.44
C ARG A 164 -34.09 -11.43 11.98
N GLY A 165 -33.82 -10.19 11.58
CA GLY A 165 -33.40 -9.90 10.22
C GLY A 165 -33.94 -8.60 9.68
N GLY B 1 19.70 50.04 -20.43
CA GLY B 1 20.73 49.03 -20.43
C GLY B 1 20.18 47.64 -20.63
N ALA B 2 21.06 46.67 -20.82
CA ALA B 2 20.65 45.28 -20.99
C ALA B 2 21.63 44.33 -20.30
N ARG B 3 21.11 43.24 -19.75
CA ARG B 3 21.94 42.25 -19.08
C ARG B 3 21.31 40.86 -19.11
N ILE B 4 22.15 39.84 -18.99
CA ILE B 4 21.67 38.47 -18.90
C ILE B 4 21.34 38.12 -17.45
N LYS B 5 20.19 37.50 -17.26
CA LYS B 5 19.74 37.12 -15.92
C LYS B 5 19.04 35.77 -15.94
N THR B 6 19.08 35.05 -14.82
CA THR B 6 18.35 33.80 -14.64
C THR B 6 16.87 33.96 -15.02
N LEU B 7 16.35 33.04 -15.81
CA LEU B 7 14.97 33.08 -16.23
C LEU B 7 14.01 32.79 -15.08
N SER B 8 12.97 33.61 -14.95
CA SER B 8 11.98 33.45 -13.89
C SER B 8 10.57 33.71 -14.40
N VAL B 9 9.64 32.82 -14.05
CA VAL B 9 8.24 32.97 -14.45
C VAL B 9 7.30 32.77 -13.26
N SER B 10 6.40 33.72 -13.03
CA SER B 10 5.52 33.66 -11.88
C SER B 10 4.08 33.31 -12.25
N ARG B 11 3.43 32.53 -11.39
CA ARG B 11 2.02 32.19 -11.56
C ARG B 11 1.23 32.49 -10.29
N PRO B 12 0.28 33.42 -10.37
CA PRO B 12 -0.55 33.78 -9.22
C PRO B 12 -1.31 32.58 -8.66
N ILE B 13 -1.40 32.50 -7.33
CA ILE B 13 -2.06 31.37 -6.69
C ILE B 13 -2.78 31.82 -5.43
N ILE B 14 -3.92 31.21 -5.18
CA ILE B 14 -4.73 31.49 -4.00
C ILE B 14 -4.88 30.21 -3.19
N TYR B 15 -4.59 30.27 -1.90
CA TYR B 15 -4.69 29.06 -1.10
C TYR B 15 -5.13 29.35 0.33
N GLY B 16 -5.66 28.34 1.01
CA GLY B 16 -6.04 28.53 2.40
C GLY B 16 -7.28 27.76 2.78
N ASN B 17 -8.08 28.30 3.69
CA ASN B 17 -9.26 27.58 4.13
C ASN B 17 -10.45 28.46 4.48
N THR B 18 -11.64 27.88 4.36
CA THR B 18 -12.85 28.49 4.88
C THR B 18 -13.41 27.57 5.95
N ALA B 19 -14.25 28.12 6.83
CA ALA B 19 -14.82 27.35 7.92
C ALA B 19 -16.15 27.95 8.35
N LYS B 20 -17.01 27.09 8.90
CA LYS B 20 -18.32 27.48 9.35
C LYS B 20 -18.81 26.56 10.46
N LYS B 21 -19.36 27.16 11.52
CA LYS B 21 -19.95 26.40 12.60
C LYS B 21 -21.19 25.64 12.13
N MET B 22 -21.27 24.36 12.49
CA MET B 22 -22.33 23.48 12.03
C MET B 22 -23.62 23.71 12.83
N GLY B 23 -24.76 23.66 12.14
CA GLY B 23 -26.05 23.92 12.75
C GLY B 23 -26.72 22.86 13.61
N SER B 24 -28.05 22.91 13.65
CA SER B 24 -28.88 21.92 14.34
C SER B 24 -28.56 20.50 13.91
N VAL B 25 -28.59 20.29 12.60
CA VAL B 25 -28.50 18.96 12.02
C VAL B 25 -27.07 18.75 11.47
N LYS B 26 -26.40 17.70 11.94
CA LYS B 26 -25.04 17.43 11.53
C LYS B 26 -24.99 16.54 10.29
N PRO B 27 -23.86 16.60 9.55
CA PRO B 27 -23.70 15.76 8.37
C PRO B 27 -23.83 14.28 8.68
N ALA B 30 -20.67 11.31 10.01
CA ALA B 30 -20.01 12.42 10.72
C ALA B 30 -20.05 12.19 12.22
N PRO B 31 -18.88 12.19 12.86
CA PRO B 31 -18.78 12.02 14.32
C PRO B 31 -19.50 13.13 15.08
N ALA B 32 -20.05 12.78 16.25
CA ALA B 32 -20.82 13.73 17.04
C ALA B 32 -19.91 14.79 17.66
N GLU B 33 -18.66 14.41 17.88
CA GLU B 33 -17.64 15.30 18.42
C GLU B 33 -17.43 16.57 17.59
N HIS B 34 -17.59 16.45 16.28
CA HIS B 34 -17.27 17.53 15.35
C HIS B 34 -18.19 18.74 15.47
N THR B 35 -17.63 19.94 15.41
CA THR B 35 -18.39 21.16 15.62
C THR B 35 -18.34 22.13 14.42
N HIS B 36 -17.39 21.90 13.52
CA HIS B 36 -17.18 22.79 12.38
C HIS B 36 -17.06 22.06 11.06
N LEU B 37 -17.52 22.72 10.00
CA LEU B 37 -17.26 22.29 8.63
C LEU B 37 -16.20 23.19 8.04
N TRP B 38 -15.19 22.62 7.38
CA TRP B 38 -14.15 23.44 6.81
C TRP B 38 -13.64 22.91 5.47
N THR B 39 -13.15 23.81 4.62
CA THR B 39 -12.65 23.44 3.32
C THR B 39 -11.27 24.04 3.08
N ILE B 40 -10.29 23.19 2.80
CA ILE B 40 -8.94 23.65 2.45
C ILE B 40 -8.79 23.59 0.93
N PHE B 41 -8.12 24.59 0.35
CA PHE B 41 -8.09 24.69 -1.11
C PHE B 41 -6.88 25.41 -1.67
N VAL B 42 -6.54 25.05 -2.91
CA VAL B 42 -5.59 25.78 -3.75
C VAL B 42 -6.22 26.00 -5.13
N ARG B 43 -6.32 27.25 -5.54
CA ARG B 43 -6.99 27.61 -6.80
C ARG B 43 -6.32 28.81 -7.46
N GLY B 44 -6.78 29.15 -8.65
CA GLY B 44 -6.30 30.33 -9.35
C GLY B 44 -7.22 31.53 -9.12
N PRO B 45 -6.73 32.73 -9.47
CA PRO B 45 -7.56 33.94 -9.40
C PRO B 45 -8.75 33.85 -10.34
N GLN B 46 -9.92 34.34 -9.91
CA GLN B 46 -11.16 34.19 -10.66
C GLN B 46 -11.49 32.72 -10.91
N ASN B 47 -10.94 31.86 -10.06
CA ASN B 47 -11.10 30.41 -10.17
C ASN B 47 -10.72 29.86 -11.54
N GLU B 48 -9.76 30.52 -12.20
CA GLU B 48 -9.29 30.02 -13.49
C GLU B 48 -8.46 28.75 -13.28
N ASP B 49 -8.40 27.93 -14.32
CA ASP B 49 -7.71 26.65 -14.25
C ASP B 49 -6.23 26.80 -13.92
N ILE B 50 -5.74 25.94 -13.02
CA ILE B 50 -4.32 25.89 -12.70
C ILE B 50 -3.78 24.49 -12.95
N SER B 51 -4.65 23.60 -13.42
CA SER B 51 -4.26 22.21 -13.64
C SER B 51 -3.32 22.06 -14.83
N TYR B 52 -3.21 23.10 -15.64
CA TYR B 52 -2.34 23.05 -16.81
C TYR B 52 -0.87 23.05 -16.41
N PHE B 53 -0.57 23.51 -15.19
CA PHE B 53 0.79 23.42 -14.67
C PHE B 53 0.84 22.71 -13.31
N ILE B 54 -0.32 22.45 -12.73
CA ILE B 54 -0.40 21.67 -11.50
C ILE B 54 -1.10 20.34 -11.73
N LYS B 55 -0.40 19.24 -11.50
CA LYS B 55 -0.95 17.91 -11.73
C LYS B 55 -1.80 17.43 -10.56
N LYS B 56 -1.30 17.57 -9.35
CA LYS B 56 -2.07 17.18 -8.17
C LYS B 56 -1.62 17.92 -6.92
N VAL B 57 -2.53 18.00 -5.95
CA VAL B 57 -2.23 18.62 -4.67
C VAL B 57 -2.55 17.66 -3.52
N VAL B 58 -1.58 17.44 -2.64
CA VAL B 58 -1.76 16.52 -1.53
C VAL B 58 -1.82 17.26 -0.19
N PHE B 59 -2.96 17.14 0.49
CA PHE B 59 -3.11 17.74 1.82
C PHE B 59 -2.94 16.67 2.89
N LYS B 60 -1.99 16.88 3.79
CA LYS B 60 -1.81 15.97 4.91
C LYS B 60 -2.43 16.54 6.17
N LEU B 61 -3.46 15.88 6.68
CA LEU B 61 -4.19 16.35 7.84
C LEU B 61 -3.57 15.82 9.12
N HIS B 62 -4.14 16.21 10.26
CA HIS B 62 -3.69 15.72 11.56
C HIS B 62 -3.87 14.21 11.65
N ASP B 63 -3.05 13.55 12.47
CA ASP B 63 -3.07 12.10 12.55
C ASP B 63 -4.34 11.55 13.19
N THR B 64 -5.16 12.44 13.74
CA THR B 64 -6.44 12.03 14.31
C THR B 64 -7.45 11.71 13.20
N TYR B 65 -7.19 12.23 12.00
CA TYR B 65 -8.03 11.94 10.84
C TYR B 65 -7.67 10.61 10.19
N PRO B 66 -8.69 9.83 9.79
CA PRO B 66 -8.51 8.59 9.03
C PRO B 66 -7.91 8.87 7.66
N ASN B 67 -6.86 8.15 7.29
CA ASN B 67 -6.14 8.39 6.04
C ASN B 67 -5.75 9.85 5.88
N PRO B 68 -4.82 10.34 6.74
CA PRO B 68 -4.49 11.77 6.80
C PRO B 68 -3.90 12.31 5.50
N VAL B 69 -3.33 11.43 4.67
CA VAL B 69 -2.79 11.83 3.39
C VAL B 69 -3.91 11.84 2.34
N ARG B 70 -4.37 13.04 2.00
CA ARG B 70 -5.47 13.19 1.04
C ARG B 70 -4.94 13.72 -0.28
N SER B 71 -4.91 12.86 -1.28
CA SER B 71 -4.39 13.22 -2.59
C SER B 71 -5.52 13.67 -3.52
N ILE B 72 -5.48 14.94 -3.92
CA ILE B 72 -6.45 15.46 -4.87
C ILE B 72 -5.78 15.58 -6.24
N GLU B 73 -6.21 14.72 -7.16
CA GLU B 73 -5.51 14.57 -8.42
C GLU B 73 -6.30 15.15 -9.60
N ALA B 74 -7.29 15.97 -9.28
CA ALA B 74 -8.06 16.67 -10.29
C ALA B 74 -8.73 17.91 -9.70
N PRO B 75 -8.82 18.99 -10.48
CA PRO B 75 -9.47 20.21 -10.00
C PRO B 75 -10.96 19.98 -9.73
N PRO B 76 -11.53 20.69 -8.75
CA PRO B 76 -10.85 21.68 -7.91
C PRO B 76 -9.94 21.05 -6.87
N PHE B 77 -8.75 21.62 -6.69
CA PHE B 77 -7.79 21.10 -5.72
C PHE B 77 -8.19 21.56 -4.32
N GLU B 78 -9.19 20.87 -3.76
CA GLU B 78 -9.72 21.22 -2.46
C GLU B 78 -10.26 19.99 -1.76
N LEU B 79 -10.50 20.12 -0.46
CA LEU B 79 -11.19 19.07 0.27
C LEU B 79 -11.99 19.67 1.42
N THR B 80 -13.20 19.14 1.59
CA THR B 80 -14.09 19.58 2.65
C THR B 80 -14.22 18.49 3.70
N GLU B 81 -13.99 18.85 4.95
CA GLU B 81 -14.08 17.90 6.05
C GLU B 81 -14.79 18.53 7.24
N THR B 82 -15.07 17.70 8.24
CA THR B 82 -15.63 18.18 9.50
C THR B 82 -14.57 18.04 10.59
N GLY B 83 -14.69 18.82 11.65
CA GLY B 83 -13.70 18.78 12.71
C GLY B 83 -14.06 19.59 13.94
N TRP B 84 -13.18 19.56 14.93
CA TRP B 84 -13.40 20.33 16.16
C TRP B 84 -12.20 21.20 16.48
N GLY B 85 -11.04 20.83 15.96
CA GLY B 85 -9.80 21.51 16.31
C GLY B 85 -9.02 22.11 15.16
N GLU B 86 -8.25 23.15 15.47
CA GLU B 86 -7.37 23.78 14.50
C GLU B 86 -6.01 23.08 14.50
N PHE B 87 -5.42 22.92 13.32
CA PHE B 87 -4.13 22.26 13.20
C PHE B 87 -3.42 22.66 11.92
N ASP B 88 -2.14 22.32 11.82
CA ASP B 88 -1.35 22.63 10.64
C ASP B 88 -1.54 21.58 9.55
N ILE B 89 -1.99 22.02 8.39
CA ILE B 89 -2.13 21.14 7.24
C ILE B 89 -0.95 21.29 6.30
N ASN B 90 -0.25 20.19 6.04
CA ASN B 90 0.86 20.19 5.10
C ASN B 90 0.34 20.12 3.66
N ILE B 91 0.82 21.02 2.83
CA ILE B 91 0.40 21.06 1.43
C ILE B 91 1.58 20.81 0.49
N LYS B 92 1.43 19.76 -0.32
CA LYS B 92 2.40 19.43 -1.35
C LYS B 92 1.79 19.61 -2.74
N VAL B 93 2.36 20.53 -3.51
CA VAL B 93 1.92 20.78 -4.87
C VAL B 93 2.84 20.06 -5.85
N TYR B 94 2.26 19.14 -6.62
CA TYR B 94 2.98 18.41 -7.65
C TYR B 94 2.70 19.05 -9.00
N PHE B 95 3.75 19.37 -9.74
CA PHE B 95 3.59 19.99 -11.04
C PHE B 95 3.53 18.93 -12.13
N VAL B 96 3.02 19.31 -13.30
CA VAL B 96 2.87 18.38 -14.40
C VAL B 96 4.24 17.84 -14.81
N GLU B 97 4.26 16.64 -15.37
CA GLU B 97 5.50 15.89 -15.62
C GLU B 97 6.46 16.65 -16.52
N GLU B 98 5.90 17.53 -17.35
CA GLU B 98 6.71 18.36 -18.24
C GLU B 98 7.68 19.30 -17.49
N ALA B 99 7.31 19.67 -16.27
CA ALA B 99 8.11 20.60 -15.48
C ALA B 99 9.43 20.01 -15.01
N ASN B 100 9.43 18.70 -14.74
CA ASN B 100 10.58 18.03 -14.15
C ASN B 100 11.01 18.73 -12.87
N GLU B 101 10.02 19.08 -12.04
CA GLU B 101 10.25 19.89 -10.86
C GLU B 101 10.05 19.11 -9.57
N LYS B 102 10.81 19.45 -8.54
CA LYS B 102 10.58 18.90 -7.21
C LYS B 102 9.21 19.34 -6.70
N VAL B 103 8.68 18.61 -5.73
CA VAL B 103 7.41 18.97 -5.11
C VAL B 103 7.52 20.31 -4.39
N LEU B 104 6.48 21.12 -4.49
CA LEU B 104 6.43 22.39 -3.76
C LEU B 104 5.79 22.19 -2.41
N ASN B 105 6.56 22.39 -1.34
CA ASN B 105 6.09 22.10 0.00
C ASN B 105 5.85 23.34 0.84
N PHE B 106 4.65 23.47 1.37
CA PHE B 106 4.36 24.52 2.35
C PHE B 106 3.26 24.03 3.28
N TYR B 107 2.68 24.92 4.07
CA TYR B 107 1.64 24.51 5.02
C TYR B 107 0.69 25.65 5.33
N HIS B 108 -0.46 25.29 5.90
CA HIS B 108 -1.48 26.27 6.25
C HIS B 108 -2.13 25.92 7.60
N ARG B 109 -2.20 26.90 8.50
CA ARG B 109 -2.85 26.69 9.78
C ARG B 109 -4.35 26.82 9.63
N LEU B 110 -5.06 25.70 9.76
CA LEU B 110 -6.52 25.67 9.64
C LEU B 110 -7.17 26.58 10.68
N ARG B 111 -7.96 27.54 10.22
CA ARG B 111 -8.63 28.48 11.11
C ARG B 111 -10.13 28.20 11.19
N LEU B 112 -10.64 28.04 12.41
CA LEU B 112 -12.05 27.77 12.63
C LEU B 112 -12.73 28.91 13.36
N HIS B 113 -11.97 29.60 14.21
CA HIS B 113 -12.50 30.68 15.03
C HIS B 113 -11.95 32.05 14.59
N PRO B 114 -12.74 33.11 14.79
CA PRO B 114 -12.32 34.47 14.47
C PRO B 114 -11.05 34.90 15.20
N GLU B 139 -19.09 32.86 9.29
CA GLU B 139 -18.10 32.22 8.42
C GLU B 139 -16.70 32.78 8.69
N VAL B 140 -15.75 31.88 8.95
CA VAL B 140 -14.36 32.27 9.16
C VAL B 140 -13.54 31.91 7.92
N SER B 141 -12.53 32.70 7.61
CA SER B 141 -11.67 32.38 6.47
C SER B 141 -10.23 32.81 6.70
N SER B 142 -9.31 32.03 6.15
CA SER B 142 -7.88 32.34 6.18
C SER B 142 -7.32 32.06 4.79
N VAL B 143 -7.19 33.11 3.99
CA VAL B 143 -6.86 32.97 2.58
C VAL B 143 -5.68 33.85 2.18
N TYR B 144 -4.74 33.26 1.43
CA TYR B 144 -3.59 33.98 0.93
C TYR B 144 -3.60 34.05 -0.60
N PHE B 145 -3.19 35.19 -1.12
CA PHE B 145 -3.11 35.43 -2.56
C PHE B 145 -1.67 35.76 -2.90
N ASP B 146 -0.89 34.73 -3.19
CA ASP B 146 0.54 34.89 -3.46
C ASP B 146 0.85 34.51 -4.90
N GLU B 147 2.12 34.23 -5.16
CA GLU B 147 2.51 33.72 -6.48
C GLU B 147 3.56 32.63 -6.34
N ILE B 148 3.51 31.65 -7.24
CA ILE B 148 4.54 30.63 -7.33
C ILE B 148 5.59 31.08 -8.34
N VAL B 149 6.84 31.17 -7.90
CA VAL B 149 7.92 31.58 -8.78
C VAL B 149 8.73 30.38 -9.26
N PHE B 150 8.77 30.22 -10.58
CA PHE B 150 9.56 29.16 -11.20
C PHE B 150 10.86 29.75 -11.73
N ASN B 151 11.98 29.34 -11.14
CA ASN B 151 13.29 29.77 -11.64
C ASN B 151 13.92 28.68 -12.49
N GLU B 152 14.59 29.10 -13.57
CA GLU B 152 15.19 28.19 -14.53
C GLU B 152 14.26 27.08 -15.03
N PRO B 153 13.08 27.45 -15.57
CA PRO B 153 12.22 26.39 -16.11
C PRO B 153 12.72 25.90 -17.46
N ASN B 154 12.47 24.64 -17.80
CA ASN B 154 12.89 24.12 -19.10
C ASN B 154 11.98 24.69 -20.20
N GLU B 155 12.40 24.51 -21.45
CA GLU B 155 11.73 25.13 -22.59
C GLU B 155 10.30 24.63 -22.75
N GLU B 156 10.10 23.34 -22.49
CA GLU B 156 8.80 22.69 -22.60
C GLU B 156 7.83 23.21 -21.55
N PHE B 157 8.28 23.23 -20.30
CA PHE B 157 7.46 23.76 -19.21
C PHE B 157 7.22 25.26 -19.39
N PHE B 158 8.20 25.95 -19.98
CA PHE B 158 8.04 27.36 -20.31
C PHE B 158 6.93 27.56 -21.32
N LYS B 159 6.90 26.70 -22.34
CA LYS B 159 5.83 26.75 -23.32
C LYS B 159 4.49 26.53 -22.63
N ILE B 160 4.44 25.57 -21.71
CA ILE B 160 3.21 25.32 -20.97
C ILE B 160 2.78 26.53 -20.13
N LEU B 161 3.72 27.13 -19.42
CA LEU B 161 3.42 28.29 -18.58
C LEU B 161 2.92 29.48 -19.41
N MET B 162 3.47 29.64 -20.61
CA MET B 162 3.09 30.73 -21.49
C MET B 162 1.81 30.45 -22.27
N SER B 163 1.29 29.23 -22.14
CA SER B 163 0.10 28.83 -22.87
C SER B 163 -1.14 29.53 -22.33
N ARG B 164 -1.02 30.06 -21.11
CA ARG B 164 -2.07 30.84 -20.43
C ARG B 164 -3.44 30.15 -20.48
N GLY C 1 43.63 -47.41 -18.54
CA GLY C 1 43.23 -47.98 -17.27
C GLY C 1 41.76 -47.74 -16.97
N ALA C 2 41.26 -48.38 -15.92
CA ALA C 2 39.88 -48.21 -15.50
C ALA C 2 39.77 -48.22 -13.98
N ARG C 3 38.85 -47.42 -13.44
CA ARG C 3 38.65 -47.35 -12.00
C ARG C 3 37.23 -46.93 -11.65
N ILE C 4 36.79 -47.31 -10.45
CA ILE C 4 35.51 -46.87 -9.93
C ILE C 4 35.66 -45.50 -9.26
N LYS C 5 34.75 -44.59 -9.57
CA LYS C 5 34.80 -43.25 -9.01
C LYS C 5 33.39 -42.76 -8.71
N THR C 6 33.27 -41.85 -7.75
CA THR C 6 32.01 -41.19 -7.43
C THR C 6 31.37 -40.61 -8.69
N LEU C 7 30.07 -40.86 -8.87
CA LEU C 7 29.35 -40.34 -10.03
C LEU C 7 29.18 -38.84 -9.93
N SER C 8 29.45 -38.14 -11.03
CA SER C 8 29.33 -36.69 -11.07
C SER C 8 28.74 -36.23 -12.40
N VAL C 9 27.76 -35.33 -12.33
CA VAL C 9 27.11 -34.79 -13.52
C VAL C 9 27.04 -33.27 -13.46
N SER C 10 27.49 -32.61 -14.51
CA SER C 10 27.55 -31.15 -14.52
C SER C 10 26.48 -30.50 -15.40
N ARG C 11 25.96 -29.37 -14.95
CA ARG C 11 25.00 -28.58 -15.73
C ARG C 11 25.45 -27.12 -15.83
N PRO C 12 25.75 -26.67 -17.06
CA PRO C 12 26.17 -25.28 -17.29
C PRO C 12 25.13 -24.28 -16.80
N ILE C 13 25.58 -23.19 -16.19
CA ILE C 13 24.65 -22.20 -15.66
C ILE C 13 25.21 -20.78 -15.80
N ILE C 14 24.32 -19.84 -16.08
CA ILE C 14 24.67 -18.43 -16.22
C ILE C 14 23.89 -17.62 -15.19
N TYR C 15 24.57 -16.78 -14.44
CA TYR C 15 23.87 -16.00 -13.42
C TYR C 15 24.48 -14.63 -13.22
N GLY C 16 23.72 -13.71 -12.65
CA GLY C 16 24.26 -12.39 -12.37
C GLY C 16 23.23 -11.29 -12.53
N ASN C 17 23.67 -10.11 -12.96
CA ASN C 17 22.75 -8.99 -13.07
C ASN C 17 23.05 -8.03 -14.22
N THR C 18 22.02 -7.35 -14.68
CA THR C 18 22.18 -6.23 -15.58
C THR C 18 21.63 -4.98 -14.91
N ALA C 19 22.06 -3.80 -15.36
CA ALA C 19 21.63 -2.54 -14.75
C ALA C 19 21.73 -1.37 -15.73
N LYS C 20 20.90 -0.36 -15.50
CA LYS C 20 20.89 0.83 -16.36
C LYS C 20 20.35 2.04 -15.59
N LYS C 21 20.99 3.19 -15.78
CA LYS C 21 20.54 4.44 -15.18
C LYS C 21 19.16 4.83 -15.70
N MET C 22 18.27 5.19 -14.78
CA MET C 22 16.89 5.53 -15.14
C MET C 22 16.82 6.95 -15.71
N ALA C 30 8.15 3.97 -7.25
CA ALA C 30 9.59 3.94 -7.02
C ALA C 30 10.06 5.22 -6.33
N PRO C 31 10.73 5.08 -5.17
CA PRO C 31 11.27 6.21 -4.41
C PRO C 31 12.28 7.02 -5.21
N ALA C 32 12.37 8.32 -4.92
CA ALA C 32 13.22 9.23 -5.67
C ALA C 32 14.69 8.91 -5.42
N GLU C 33 14.96 8.28 -4.28
CA GLU C 33 16.29 7.84 -3.90
C GLU C 33 16.97 6.93 -4.93
N HIS C 34 16.16 6.06 -5.54
CA HIS C 34 16.66 5.07 -6.49
C HIS C 34 17.10 5.73 -7.80
N THR C 35 18.23 5.29 -8.35
CA THR C 35 18.76 5.93 -9.55
C THR C 35 18.90 4.96 -10.72
N HIS C 36 18.80 3.66 -10.42
CA HIS C 36 19.04 2.62 -11.41
C HIS C 36 17.93 1.56 -11.43
N LEU C 37 17.72 1.02 -12.62
CA LEU C 37 16.88 -0.17 -12.80
C LEU C 37 17.81 -1.36 -13.02
N TRP C 38 17.57 -2.46 -12.32
CA TRP C 38 18.44 -3.62 -12.46
C TRP C 38 17.67 -4.93 -12.41
N THR C 39 18.23 -5.95 -13.05
CA THR C 39 17.54 -7.21 -13.13
C THR C 39 18.53 -8.34 -12.75
N ILE C 40 18.20 -9.13 -11.72
CA ILE C 40 19.05 -10.28 -11.29
C ILE C 40 18.47 -11.60 -11.81
N PHE C 41 19.35 -12.51 -12.26
CA PHE C 41 18.90 -13.73 -12.96
C PHE C 41 19.79 -14.95 -12.87
N VAL C 42 19.11 -16.08 -13.03
CA VAL C 42 19.76 -17.36 -13.25
C VAL C 42 19.11 -18.03 -14.47
N ARG C 43 19.92 -18.35 -15.47
CA ARG C 43 19.42 -18.92 -16.73
C ARG C 43 20.42 -19.93 -17.30
N GLY C 44 20.02 -20.59 -18.38
CA GLY C 44 20.90 -21.52 -19.07
C GLY C 44 21.61 -20.87 -20.25
N PRO C 45 22.65 -21.55 -20.79
CA PRO C 45 23.34 -21.06 -21.98
C PRO C 45 22.40 -21.03 -23.18
N GLN C 46 22.52 -19.99 -24.02
CA GLN C 46 21.60 -19.78 -25.13
C GLN C 46 20.16 -19.66 -24.64
N ASN C 47 20.02 -19.28 -23.37
CA ASN C 47 18.73 -19.14 -22.70
C ASN C 47 17.85 -20.38 -22.79
N GLU C 48 18.48 -21.56 -22.85
CA GLU C 48 17.74 -22.81 -22.87
C GLU C 48 17.14 -23.09 -21.49
N ASP C 49 16.06 -23.86 -21.47
CA ASP C 49 15.34 -24.17 -20.25
C ASP C 49 16.21 -24.86 -19.20
N ILE C 50 16.10 -24.41 -17.95
CA ILE C 50 16.78 -25.05 -16.83
C ILE C 50 15.78 -25.50 -15.77
N SER C 51 14.50 -25.27 -16.05
CA SER C 51 13.45 -25.59 -15.10
C SER C 51 13.25 -27.09 -14.95
N TYR C 52 13.83 -27.86 -15.88
CA TYR C 52 13.69 -29.31 -15.83
C TYR C 52 14.48 -29.91 -14.67
N PHE C 53 15.48 -29.19 -14.17
CA PHE C 53 16.20 -29.64 -12.98
C PHE C 53 16.21 -28.58 -11.88
N ILE C 54 15.74 -27.37 -12.20
CA ILE C 54 15.61 -26.32 -11.19
C ILE C 54 14.13 -25.98 -10.97
N LYS C 55 13.66 -26.17 -9.74
CA LYS C 55 12.26 -25.94 -9.40
C LYS C 55 11.97 -24.46 -9.15
N LYS C 56 12.81 -23.81 -8.34
CA LYS C 56 12.64 -22.40 -8.05
C LYS C 56 13.94 -21.73 -7.62
N VAL C 57 14.00 -20.42 -7.80
CA VAL C 57 15.16 -19.65 -7.36
C VAL C 57 14.71 -18.51 -6.45
N VAL C 58 15.32 -18.43 -5.27
CA VAL C 58 14.97 -17.41 -4.30
C VAL C 58 16.07 -16.38 -4.17
N PHE C 59 15.75 -15.12 -4.48
CA PHE C 59 16.71 -14.03 -4.33
C PHE C 59 16.43 -13.27 -3.05
N LYS C 60 17.41 -13.18 -2.16
CA LYS C 60 17.23 -12.40 -0.94
C LYS C 60 17.93 -11.06 -1.12
N LEU C 61 17.13 -9.99 -1.12
CA LEU C 61 17.64 -8.65 -1.35
C LEU C 61 18.04 -7.96 -0.05
N HIS C 62 18.52 -6.74 -0.15
CA HIS C 62 18.87 -5.94 1.02
C HIS C 62 17.63 -5.74 1.91
N ASP C 63 17.86 -5.59 3.20
CA ASP C 63 16.76 -5.52 4.16
C ASP C 63 15.94 -4.25 4.05
N THR C 64 16.43 -3.29 3.26
CA THR C 64 15.70 -2.05 3.03
C THR C 64 14.54 -2.26 2.06
N TYR C 65 14.59 -3.35 1.31
CA TYR C 65 13.50 -3.70 0.40
C TYR C 65 12.37 -4.37 1.15
N PRO C 66 11.11 -4.01 0.84
CA PRO C 66 9.97 -4.69 1.44
C PRO C 66 9.93 -6.16 1.04
N ASN C 67 9.82 -7.05 2.02
CA ASN C 67 9.86 -8.49 1.79
C ASN C 67 11.06 -8.89 0.93
N PRO C 68 12.26 -8.78 1.50
CA PRO C 68 13.51 -8.96 0.75
C PRO C 68 13.67 -10.37 0.18
N VAL C 69 12.94 -11.33 0.73
CA VAL C 69 12.97 -12.70 0.21
C VAL C 69 11.99 -12.82 -0.95
N ARG C 70 12.53 -12.83 -2.16
CA ARG C 70 11.73 -12.91 -3.37
C ARG C 70 11.84 -14.28 -4.01
N SER C 71 10.76 -15.06 -3.93
CA SER C 71 10.76 -16.41 -4.47
C SER C 71 10.22 -16.46 -5.88
N ILE C 72 11.07 -16.85 -6.83
CA ILE C 72 10.66 -17.02 -8.22
C ILE C 72 10.48 -18.50 -8.51
N GLU C 73 9.24 -18.91 -8.70
CA GLU C 73 8.90 -20.34 -8.74
C GLU C 73 8.53 -20.83 -10.14
N ALA C 74 8.87 -20.03 -11.14
CA ALA C 74 8.66 -20.40 -12.54
C ALA C 74 9.60 -19.61 -13.44
N PRO C 75 10.08 -20.25 -14.52
CA PRO C 75 10.98 -19.55 -15.46
C PRO C 75 10.27 -18.40 -16.18
N PRO C 76 11.01 -17.34 -16.52
CA PRO C 76 12.45 -17.15 -16.26
C PRO C 76 12.75 -16.84 -14.79
N PHE C 77 13.80 -17.44 -14.25
CA PHE C 77 14.18 -17.24 -12.87
C PHE C 77 14.96 -15.93 -12.72
N GLU C 78 14.20 -14.83 -12.69
CA GLU C 78 14.78 -13.50 -12.61
C GLU C 78 13.85 -12.52 -11.91
N LEU C 79 14.39 -11.37 -11.51
CA LEU C 79 13.55 -10.30 -10.97
C LEU C 79 14.15 -8.93 -11.29
N THR C 80 13.27 -7.98 -11.62
CA THR C 80 13.68 -6.62 -11.92
C THR C 80 13.23 -5.67 -10.80
N GLU C 81 14.17 -4.89 -10.29
CA GLU C 81 13.90 -3.94 -9.22
C GLU C 81 14.59 -2.61 -9.47
N THR C 82 14.29 -1.63 -8.62
CA THR C 82 14.98 -0.34 -8.68
C THR C 82 15.87 -0.18 -7.46
N GLY C 83 16.90 0.66 -7.58
CA GLY C 83 17.81 0.87 -6.46
C GLY C 83 18.82 1.97 -6.70
N TRP C 84 19.64 2.24 -5.68
CA TRP C 84 20.68 3.26 -5.80
C TRP C 84 22.05 2.72 -5.38
N GLY C 85 22.06 1.65 -4.59
CA GLY C 85 23.29 1.12 -4.04
C GLY C 85 23.58 -0.32 -4.41
N GLU C 86 24.86 -0.67 -4.43
CA GLU C 86 25.29 -2.02 -4.71
C GLU C 86 25.35 -2.86 -3.42
N PHE C 87 24.93 -4.12 -3.51
CA PHE C 87 24.91 -4.99 -2.33
C PHE C 87 24.91 -6.46 -2.71
N ASP C 88 25.11 -7.33 -1.73
CA ASP C 88 25.14 -8.77 -1.94
C ASP C 88 23.73 -9.33 -2.02
N ILE C 89 23.41 -9.95 -3.15
CA ILE C 89 22.14 -10.64 -3.29
C ILE C 89 22.35 -12.12 -3.05
N ASN C 90 21.64 -12.66 -2.07
CA ASN C 90 21.73 -14.09 -1.79
C ASN C 90 20.87 -14.87 -2.77
N ILE C 91 21.47 -15.88 -3.38
CA ILE C 91 20.77 -16.72 -4.34
C ILE C 91 20.70 -18.15 -3.85
N LYS C 92 19.47 -18.64 -3.70
CA LYS C 92 19.20 -20.02 -3.31
C LYS C 92 18.53 -20.77 -4.46
N VAL C 93 19.21 -21.79 -4.97
CA VAL C 93 18.65 -22.61 -6.04
C VAL C 93 18.06 -23.89 -5.46
N TYR C 94 16.76 -24.06 -5.65
CA TYR C 94 16.06 -25.27 -5.22
C TYR C 94 15.87 -26.17 -6.44
N PHE C 95 16.28 -27.42 -6.31
CA PHE C 95 16.17 -28.37 -7.42
C PHE C 95 14.84 -29.13 -7.35
N VAL C 96 14.45 -29.74 -8.47
CA VAL C 96 13.19 -30.46 -8.53
C VAL C 96 13.22 -31.63 -7.53
N GLU C 97 12.05 -32.04 -7.06
CA GLU C 97 11.94 -32.97 -5.94
C GLU C 97 12.59 -34.35 -6.18
N GLU C 98 12.69 -34.75 -7.43
CA GLU C 98 13.32 -36.04 -7.77
C GLU C 98 14.79 -36.07 -7.36
N ALA C 99 15.41 -34.89 -7.31
CA ALA C 99 16.83 -34.79 -6.98
C ALA C 99 17.11 -35.17 -5.53
N ASN C 100 16.14 -34.88 -4.66
CA ASN C 100 16.31 -35.07 -3.21
C ASN C 100 17.57 -34.36 -2.74
N GLU C 101 17.74 -33.12 -3.19
CA GLU C 101 18.95 -32.37 -2.95
C GLU C 101 18.74 -31.17 -2.02
N LYS C 102 19.76 -30.85 -1.24
CA LYS C 102 19.78 -29.65 -0.44
C LYS C 102 19.76 -28.41 -1.34
N VAL C 103 19.35 -27.27 -0.79
CA VAL C 103 19.37 -26.03 -1.54
C VAL C 103 20.82 -25.65 -1.88
N LEU C 104 21.02 -25.12 -3.08
CA LEU C 104 22.34 -24.62 -3.48
C LEU C 104 22.46 -23.15 -3.15
N ASN C 105 23.36 -22.81 -2.25
CA ASN C 105 23.47 -21.45 -1.75
C ASN C 105 24.70 -20.70 -2.25
N PHE C 106 24.48 -19.54 -2.85
CA PHE C 106 25.60 -18.66 -3.19
C PHE C 106 25.14 -17.21 -3.18
N TYR C 107 25.95 -16.31 -3.70
CA TYR C 107 25.60 -14.90 -3.69
C TYR C 107 26.23 -14.13 -4.84
N HIS C 108 25.71 -12.93 -5.11
CA HIS C 108 26.20 -12.13 -6.22
C HIS C 108 26.26 -10.64 -5.89
N ARG C 109 27.37 -10.01 -6.21
CA ARG C 109 27.55 -8.58 -6.02
C ARG C 109 26.84 -7.80 -7.11
N LEU C 110 25.74 -7.15 -6.75
CA LEU C 110 24.98 -6.33 -7.70
C LEU C 110 25.83 -5.18 -8.21
N ARG C 111 26.00 -5.10 -9.52
CA ARG C 111 26.77 -4.00 -10.10
C ARG C 111 25.86 -3.00 -10.80
N LEU C 112 25.97 -1.74 -10.40
CA LEU C 112 25.15 -0.67 -10.95
C LEU C 112 26.00 0.33 -11.72
N HIS C 113 27.26 0.45 -11.31
CA HIS C 113 28.16 1.45 -11.90
C HIS C 113 29.21 0.76 -12.78
N PRO C 114 29.68 1.46 -13.83
CA PRO C 114 30.72 0.94 -14.72
C PRO C 114 32.02 0.60 -13.99
N GLU C 139 24.59 0.86 -20.17
CA GLU C 139 24.20 -0.36 -19.48
C GLU C 139 25.41 -1.06 -18.86
N VAL C 140 25.30 -1.38 -17.58
CA VAL C 140 26.34 -2.11 -16.87
C VAL C 140 25.88 -3.55 -16.67
N SER C 141 26.81 -4.50 -16.70
CA SER C 141 26.45 -5.90 -16.48
C SER C 141 27.52 -6.65 -15.71
N SER C 142 27.09 -7.61 -14.90
CA SER C 142 27.98 -8.48 -14.16
C SER C 142 27.45 -9.91 -14.25
N VAL C 143 28.03 -10.69 -15.15
CA VAL C 143 27.51 -12.01 -15.49
C VAL C 143 28.59 -13.09 -15.40
N TYR C 144 28.25 -14.20 -14.76
CA TYR C 144 29.15 -15.34 -14.63
C TYR C 144 28.59 -16.57 -15.34
N PHE C 145 29.49 -17.32 -15.97
CA PHE C 145 29.14 -18.52 -16.71
C PHE C 145 29.89 -19.72 -16.11
N ASP C 146 29.28 -20.36 -15.12
CA ASP C 146 29.90 -21.46 -14.41
C ASP C 146 29.14 -22.76 -14.66
N GLU C 147 29.34 -23.75 -13.80
CA GLU C 147 28.58 -24.98 -13.86
C GLU C 147 28.19 -25.48 -12.47
N ILE C 148 27.02 -26.09 -12.38
CA ILE C 148 26.60 -26.77 -11.16
C ILE C 148 27.00 -28.24 -11.23
N VAL C 149 27.79 -28.67 -10.26
CA VAL C 149 28.24 -30.06 -10.21
C VAL C 149 27.42 -30.87 -9.21
N PHE C 150 26.77 -31.91 -9.72
CA PHE C 150 26.00 -32.83 -8.89
C PHE C 150 26.77 -34.11 -8.61
N ASN C 151 27.13 -34.34 -7.34
CA ASN C 151 27.79 -35.59 -6.97
C ASN C 151 26.82 -36.57 -6.34
N GLU C 152 27.01 -37.84 -6.66
CA GLU C 152 26.13 -38.91 -6.20
C GLU C 152 24.64 -38.63 -6.43
N PRO C 153 24.25 -38.32 -7.68
CA PRO C 153 22.81 -38.13 -7.90
C PRO C 153 22.10 -39.47 -7.97
N ASN C 154 20.83 -39.52 -7.57
CA ASN C 154 20.08 -40.75 -7.64
C ASN C 154 19.72 -41.07 -9.09
N GLU C 155 19.25 -42.30 -9.33
CA GLU C 155 19.03 -42.79 -10.69
C GLU C 155 17.95 -42.00 -11.44
N GLU C 156 16.89 -41.62 -10.73
CA GLU C 156 15.78 -40.89 -11.34
C GLU C 156 16.22 -39.48 -11.75
N PHE C 157 16.88 -38.79 -10.83
CA PHE C 157 17.40 -37.45 -11.11
C PHE C 157 18.47 -37.52 -12.21
N PHE C 158 19.20 -38.62 -12.24
CA PHE C 158 20.17 -38.85 -13.31
C PHE C 158 19.45 -38.94 -14.66
N LYS C 159 18.32 -39.65 -14.67
CA LYS C 159 17.50 -39.74 -15.88
C LYS C 159 17.04 -38.35 -16.30
N ILE C 160 16.63 -37.55 -15.33
CA ILE C 160 16.20 -36.17 -15.61
C ILE C 160 17.34 -35.34 -16.19
N LEU C 161 18.52 -35.44 -15.59
CA LEU C 161 19.69 -34.69 -16.05
C LEU C 161 20.11 -35.07 -17.47
N MET C 162 19.99 -36.36 -17.79
CA MET C 162 20.37 -36.85 -19.12
C MET C 162 19.28 -36.62 -20.17
N SER C 163 18.12 -36.14 -19.72
CA SER C 163 17.00 -35.91 -20.62
C SER C 163 17.22 -34.71 -21.54
N ARG C 164 18.16 -33.85 -21.17
CA ARG C 164 18.49 -32.66 -21.96
C ARG C 164 17.27 -31.79 -22.26
N ILE D 1 4.77 14.47 18.14
CA ILE D 1 3.32 14.63 18.21
C ILE D 1 2.93 16.03 17.74
N MET D 2 1.93 16.09 16.86
CA MET D 2 1.48 17.36 16.30
C MET D 2 0.34 17.96 17.11
N PRO D 3 0.35 19.29 17.29
CA PRO D 3 -0.66 20.00 18.08
C PRO D 3 -2.01 20.12 17.37
N LYS D 4 -3.08 19.89 18.11
CA LYS D 4 -4.43 20.04 17.58
C LYS D 4 -5.42 20.37 18.68
N ASP D 5 -5.73 21.65 18.83
CA ASP D 5 -6.65 22.09 19.86
C ASP D 5 -7.81 22.86 19.25
N ILE D 6 -8.79 23.20 20.09
CA ILE D 6 -9.92 24.00 19.67
C ILE D 6 -9.40 25.24 18.95
N GLN D 7 -8.31 25.81 19.41
CA GLN D 7 -7.85 26.99 18.71
C GLN D 7 -6.33 26.98 18.92
N LEU D 8 -5.52 27.15 17.87
CA LEU D 8 -4.06 27.28 18.05
C LEU D 8 -3.65 28.74 18.06
C SLL E . 25.59 0.60 -1.20
N SLL E . 25.79 -0.67 0.89
O SLL E . 25.97 1.85 -0.61
CA SLL E . 24.85 -0.25 -0.16
CB SLL E . 23.72 0.57 0.45
CD SLL E . 21.29 0.07 0.78
CE SLL E . 21.13 0.16 -0.73
CG SLL E . 22.73 -0.33 1.16
CK SLL E . 17.81 0.60 -0.89
CL SLL E . 16.48 0.28 -1.57
CP SLL E . 15.35 0.53 -0.60
CX SLL E . 18.95 0.16 -1.78
OX SLL E . 18.94 0.43 -2.97
NZ SLL E . 19.94 -0.50 -1.19
OP1 SLL E . 15.46 1.48 0.22
OP2 SLL E . 14.35 -0.21 -0.65
C1 SIN F . -9.94 16.52 14.49
O1 SIN F . -10.92 17.30 14.37
C2 SIN F . -10.19 15.03 14.60
C3 SIN F . -10.90 14.55 13.34
C4 SIN F . -11.51 13.19 13.58
O3 SIN F . -10.95 12.19 13.09
O4 SIN F . -12.55 13.12 14.27
#